data_5EPW
#
_entry.id   5EPW
#
_cell.length_a   68.290
_cell.length_b   68.290
_cell.length_c   92.494
_cell.angle_alpha   90.00
_cell.angle_beta   90.00
_cell.angle_gamma   120.00
#
_symmetry.space_group_name_H-M   'P 61'
#
loop_
_entity.id
_entity.type
_entity.pdbx_description
1 polymer Nucleoprotein
2 water water
#
_entity_poly.entity_id   1
_entity_poly.type   'polypeptide(L)'
_entity_poly.pdbx_seq_one_letter_code
;HHHHSGDDDDSQPRADKPSQLKKPRWKRVPTREENVIQCFGPRDFNHNMGDSDLVQNGVDAKGFPQLAELIPNQAALFFD
SEVSTDEVGDNVQITYTYKMLVAKDNKNLPKFIEQISAFTKPSSIKEMQS
;
_entity_poly.pdbx_strand_id   A,B
#
# COMPACT_ATOMS: atom_id res chain seq x y z
N PRO A 18 -6.94 -17.90 16.34
CA PRO A 18 -6.66 -16.63 17.02
C PRO A 18 -7.35 -15.44 16.32
N SER A 19 -7.50 -14.33 17.02
CA SER A 19 -8.22 -13.19 16.44
C SER A 19 -7.27 -12.37 15.50
N GLN A 20 -7.87 -11.63 14.56
CA GLN A 20 -7.12 -10.54 13.84
C GLN A 20 -6.53 -9.50 14.76
N LEU A 21 -7.08 -9.29 15.99
CA LEU A 21 -6.49 -8.27 16.89
C LEU A 21 -5.20 -8.69 17.49
N LYS A 22 -4.94 -9.98 17.44
CA LYS A 22 -3.61 -10.50 17.75
C LYS A 22 -2.51 -10.11 16.78
N LYS A 23 -2.88 -9.72 15.54
CA LYS A 23 -1.92 -9.29 14.55
C LYS A 23 -1.74 -7.76 14.56
N PRO A 24 -0.58 -7.30 14.13
CA PRO A 24 -0.40 -5.86 13.85
C PRO A 24 -1.47 -5.35 12.92
N ARG A 25 -1.89 -4.09 13.14
CA ARG A 25 -3.01 -3.52 12.46
C ARG A 25 -2.88 -3.55 10.89
N TRP A 26 -1.65 -3.39 10.42
CA TRP A 26 -1.38 -3.39 8.98
C TRP A 26 -1.47 -4.77 8.35
N LYS A 27 -1.58 -5.84 9.19
CA LYS A 27 -1.72 -7.24 8.66
CA LYS A 27 -1.67 -7.22 8.68
C LYS A 27 -3.09 -7.80 8.83
N ARG A 28 -4.06 -7.02 9.33
CA ARG A 28 -5.41 -7.58 9.53
C ARG A 28 -6.19 -7.73 8.25
N VAL A 29 -7.14 -8.67 8.18
CA VAL A 29 -8.02 -8.90 7.08
C VAL A 29 -9.41 -9.06 7.63
N PRO A 30 -10.28 -8.08 7.46
CA PRO A 30 -11.60 -8.20 8.02
C PRO A 30 -12.47 -9.16 7.22
N THR A 31 -13.43 -9.78 7.95
CA THR A 31 -14.42 -10.74 7.39
C THR A 31 -15.73 -10.50 8.19
N ARG A 32 -16.77 -11.31 7.90
CA ARG A 32 -18.02 -11.17 8.69
C ARG A 32 -17.85 -11.45 10.14
N GLU A 33 -17.00 -12.43 10.43
CA GLU A 33 -16.67 -12.84 11.76
C GLU A 33 -15.90 -11.85 12.63
N GLU A 34 -15.00 -11.09 12.01
CA GLU A 34 -14.23 -10.10 12.68
C GLU A 34 -14.15 -8.89 11.68
N ASN A 35 -15.07 -7.94 11.82
CA ASN A 35 -15.38 -7.02 10.71
C ASN A 35 -14.47 -5.75 10.71
N VAL A 36 -14.81 -4.87 9.75
CA VAL A 36 -13.98 -3.63 9.56
C VAL A 36 -13.94 -2.81 10.85
N ILE A 37 -15.15 -2.69 11.52
CA ILE A 37 -15.16 -1.99 12.78
C ILE A 37 -14.27 -2.63 13.85
N GLN A 38 -14.31 -3.99 13.91
CA GLN A 38 -13.52 -4.72 14.88
C GLN A 38 -11.99 -4.71 14.66
N CYS A 39 -11.61 -4.77 13.35
CA CYS A 39 -10.20 -4.76 13.04
C CYS A 39 -9.52 -3.38 13.06
N PHE A 40 -10.29 -2.37 12.68
CA PHE A 40 -9.75 -1.04 12.28
C PHE A 40 -10.47 0.02 13.13
N GLY A 41 -11.68 0.28 12.80
CA GLY A 41 -12.49 1.33 13.48
C GLY A 41 -13.61 1.72 12.66
N PRO A 42 -14.49 2.64 13.16
CA PRO A 42 -15.61 3.13 12.40
C PRO A 42 -15.17 3.91 11.19
N ARG A 43 -16.03 3.98 10.21
CA ARG A 43 -15.81 4.82 9.05
C ARG A 43 -15.75 6.27 9.54
N ASP A 44 -14.81 6.98 9.03
CA ASP A 44 -14.56 8.46 9.41
C ASP A 44 -13.74 9.02 8.31
N PHE A 45 -13.62 10.35 8.33
CA PHE A 45 -13.01 11.02 7.21
C PHE A 45 -11.54 10.70 6.95
N ASN A 46 -10.87 10.14 7.93
CA ASN A 46 -9.53 9.67 7.73
C ASN A 46 -9.44 8.13 7.41
N HIS A 47 -10.58 7.44 7.48
CA HIS A 47 -10.70 5.98 7.21
C HIS A 47 -12.02 5.81 6.48
N ASN A 48 -12.05 6.13 5.20
CA ASN A 48 -13.30 6.54 4.55
C ASN A 48 -13.88 5.55 3.55
N MET A 49 -13.24 4.41 3.26
CA MET A 49 -13.78 3.50 2.24
C MET A 49 -14.77 2.47 2.80
N GLY A 50 -15.85 2.33 2.05
CA GLY A 50 -16.69 1.17 2.26
C GLY A 50 -18.11 1.51 2.73
N ASP A 51 -19.10 1.00 2.01
CA ASP A 51 -20.53 1.01 2.42
C ASP A 51 -20.79 0.04 3.56
N SER A 52 -22.05 0.00 4.07
CA SER A 52 -22.30 -0.86 5.20
C SER A 52 -22.10 -2.38 4.86
N ASP A 53 -22.33 -2.79 3.61
CA ASP A 53 -22.05 -4.19 3.22
C ASP A 53 -20.54 -4.51 3.36
N LEU A 54 -19.72 -3.61 2.84
CA LEU A 54 -18.26 -3.77 2.97
CA LEU A 54 -18.25 -3.78 2.99
C LEU A 54 -17.74 -3.75 4.40
N VAL A 55 -18.31 -2.87 5.26
CA VAL A 55 -17.98 -2.78 6.59
C VAL A 55 -18.31 -4.10 7.41
N GLN A 56 -19.55 -4.56 7.16
CA GLN A 56 -20.11 -5.72 7.83
CA GLN A 56 -20.04 -5.68 7.91
C GLN A 56 -19.37 -6.99 7.43
N ASN A 57 -19.06 -7.08 6.12
CA ASN A 57 -18.53 -8.34 5.54
C ASN A 57 -17.10 -8.33 5.16
N GLY A 58 -16.47 -7.16 5.19
CA GLY A 58 -15.03 -7.14 4.88
C GLY A 58 -14.72 -7.71 3.47
N VAL A 59 -13.61 -8.46 3.43
CA VAL A 59 -13.20 -9.11 2.18
C VAL A 59 -14.17 -10.20 1.70
N ASP A 60 -15.12 -10.57 2.56
CA ASP A 60 -16.21 -11.49 2.12
C ASP A 60 -17.35 -10.81 1.41
N ALA A 61 -17.42 -9.45 1.31
CA ALA A 61 -18.44 -8.74 0.62
C ALA A 61 -18.35 -9.12 -0.83
N LYS A 62 -19.51 -9.30 -1.51
CA LYS A 62 -19.42 -9.77 -2.96
C LYS A 62 -18.70 -8.81 -3.97
N GLY A 63 -18.68 -7.56 -3.65
CA GLY A 63 -17.97 -6.55 -4.46
C GLY A 63 -16.43 -6.44 -4.25
N PHE A 64 -16.01 -7.10 -3.22
CA PHE A 64 -14.56 -6.90 -2.83
C PHE A 64 -13.61 -7.30 -3.94
N PRO A 65 -13.81 -8.45 -4.64
CA PRO A 65 -12.79 -8.75 -5.65
C PRO A 65 -12.67 -7.73 -6.72
N GLN A 66 -13.73 -7.07 -7.20
CA GLN A 66 -13.67 -6.08 -8.21
C GLN A 66 -12.95 -4.78 -7.66
N LEU A 67 -13.27 -4.49 -6.41
CA LEU A 67 -12.62 -3.31 -5.69
C LEU A 67 -11.13 -3.55 -5.58
N ALA A 68 -10.74 -4.80 -5.37
CA ALA A 68 -9.32 -5.15 -5.17
C ALA A 68 -8.54 -5.00 -6.46
N GLU A 69 -9.17 -4.93 -7.63
CA GLU A 69 -8.47 -4.68 -8.88
CA GLU A 69 -8.53 -4.65 -8.91
C GLU A 69 -7.83 -3.28 -8.87
N LEU A 70 -8.29 -2.39 -7.98
CA LEU A 70 -7.79 -0.99 -7.88
C LEU A 70 -7.04 -0.74 -6.58
N ILE A 71 -6.54 -1.80 -5.95
CA ILE A 71 -5.71 -1.66 -4.72
C ILE A 71 -4.28 -2.10 -5.10
N PRO A 72 -3.24 -1.24 -4.83
CA PRO A 72 -1.84 -1.68 -5.16
C PRO A 72 -1.43 -2.90 -4.33
N ASN A 73 -0.59 -3.76 -4.91
CA ASN A 73 0.06 -4.81 -4.22
C ASN A 73 1.21 -4.36 -3.35
N GLN A 74 1.80 -5.26 -2.52
CA GLN A 74 2.77 -4.79 -1.54
CA GLN A 74 2.75 -4.78 -1.55
C GLN A 74 4.01 -4.21 -2.21
N ALA A 75 4.45 -4.79 -3.32
CA ALA A 75 5.61 -4.29 -4.05
C ALA A 75 5.45 -2.90 -4.64
N ALA A 76 4.26 -2.70 -5.25
CA ALA A 76 3.91 -1.40 -5.76
C ALA A 76 3.77 -0.37 -4.65
N LEU A 77 3.10 -0.70 -3.55
CA LEU A 77 3.01 0.22 -2.43
C LEU A 77 4.39 0.59 -1.99
N PHE A 78 5.30 -0.37 -1.82
CA PHE A 78 6.62 -0.07 -1.32
C PHE A 78 7.46 0.80 -2.21
N PHE A 79 7.49 0.42 -3.51
CA PHE A 79 8.41 1.02 -4.50
C PHE A 79 7.78 2.23 -5.19
N ASP A 80 6.48 2.47 -5.09
CA ASP A 80 5.87 3.54 -5.81
C ASP A 80 5.16 4.52 -4.97
N SER A 81 5.44 4.54 -3.66
CA SER A 81 4.97 5.49 -2.68
C SER A 81 6.03 6.54 -2.28
N GLU A 82 5.52 7.62 -1.78
CA GLU A 82 6.33 8.59 -0.97
C GLU A 82 6.13 8.19 0.49
N VAL A 83 7.23 7.83 1.19
CA VAL A 83 7.20 7.33 2.50
C VAL A 83 7.94 8.24 3.49
N SER A 84 7.22 8.53 4.55
CA SER A 84 7.76 9.49 5.58
C SER A 84 7.53 8.93 6.93
N THR A 85 8.24 9.52 7.97
CA THR A 85 8.15 8.97 9.32
C THR A 85 8.10 10.10 10.34
N ASP A 86 7.45 9.79 11.47
CA ASP A 86 7.42 10.75 12.61
C ASP A 86 7.45 9.92 13.86
N GLU A 87 8.08 10.45 14.95
CA GLU A 87 8.01 9.81 16.29
C GLU A 87 6.77 10.16 17.07
N VAL A 88 6.02 9.19 17.59
CA VAL A 88 4.83 9.39 18.30
C VAL A 88 4.93 8.48 19.55
N GLY A 89 5.23 9.09 20.74
CA GLY A 89 5.46 8.21 21.93
C GLY A 89 6.46 7.08 21.67
N ASP A 90 6.03 5.86 21.96
CA ASP A 90 6.95 4.69 21.86
C ASP A 90 6.82 4.03 20.48
N ASN A 91 6.32 4.80 19.53
CA ASN A 91 6.15 4.28 18.13
C ASN A 91 6.83 5.17 17.16
N VAL A 92 7.13 4.59 15.98
CA VAL A 92 7.41 5.38 14.78
C VAL A 92 6.13 5.21 13.84
N GLN A 93 5.60 6.38 13.50
CA GLN A 93 4.46 6.49 12.55
C GLN A 93 5.12 6.51 11.12
N ILE A 94 4.76 5.49 10.34
CA ILE A 94 5.14 5.40 8.93
C ILE A 94 3.86 5.81 8.13
N THR A 95 4.07 6.82 7.25
CA THR A 95 3.06 7.31 6.31
C THR A 95 3.46 6.90 4.94
N TYR A 96 2.60 6.10 4.27
CA TYR A 96 2.71 5.81 2.88
C TYR A 96 1.71 6.73 2.12
N THR A 97 2.21 7.55 1.18
CA THR A 97 1.37 8.33 0.30
C THR A 97 1.51 7.73 -1.08
N TYR A 98 0.43 7.11 -1.60
CA TYR A 98 0.48 6.37 -2.85
C TYR A 98 -0.51 6.92 -3.86
N LYS A 99 0.00 7.17 -5.08
CA LYS A 99 -0.83 7.72 -6.14
C LYS A 99 -0.86 6.75 -7.32
N MET A 100 -2.06 6.55 -7.85
CA MET A 100 -2.20 5.72 -9.09
C MET A 100 -3.10 6.43 -10.09
N LEU A 101 -2.72 6.35 -11.36
CA LEU A 101 -3.45 7.03 -12.48
C LEU A 101 -4.32 5.96 -13.22
N VAL A 102 -5.61 6.10 -13.14
CA VAL A 102 -6.55 5.17 -13.68
C VAL A 102 -7.33 5.82 -14.86
N ALA A 103 -7.43 5.09 -15.97
CA ALA A 103 -8.20 5.62 -17.09
C ALA A 103 -9.64 5.80 -16.73
N LYS A 104 -10.31 6.88 -17.24
CA LYS A 104 -11.68 7.14 -16.90
C LYS A 104 -12.61 6.05 -17.37
N ASP A 105 -12.19 5.35 -18.41
CA ASP A 105 -12.93 4.20 -18.92
C ASP A 105 -12.61 2.85 -18.32
N ASN A 106 -11.75 2.81 -17.28
CA ASN A 106 -11.61 1.62 -16.54
C ASN A 106 -12.88 1.06 -15.92
N LYS A 107 -13.12 -0.23 -16.20
CA LYS A 107 -14.38 -0.89 -15.85
C LYS A 107 -14.72 -0.95 -14.40
N ASN A 108 -13.65 -0.84 -13.54
CA ASN A 108 -13.73 -1.00 -12.14
C ASN A 108 -13.77 0.37 -11.32
N LEU A 109 -13.56 1.47 -12.06
CA LEU A 109 -13.46 2.82 -11.46
C LEU A 109 -14.77 3.31 -10.85
N PRO A 110 -15.91 3.23 -11.63
CA PRO A 110 -17.15 3.69 -10.99
C PRO A 110 -17.52 2.98 -9.71
N LYS A 111 -17.27 1.65 -9.65
CA LYS A 111 -17.60 0.89 -8.46
C LYS A 111 -16.75 1.38 -7.22
N PHE A 112 -15.51 1.64 -7.56
CA PHE A 112 -14.64 2.13 -6.48
C PHE A 112 -14.99 3.54 -6.02
N ILE A 113 -15.26 4.41 -6.94
CA ILE A 113 -15.68 5.82 -6.57
C ILE A 113 -16.89 5.78 -5.64
N GLU A 114 -17.86 4.91 -5.92
CA GLU A 114 -19.01 4.77 -5.01
C GLU A 114 -18.74 4.44 -3.59
N GLN A 115 -17.62 3.70 -3.30
CA GLN A 115 -17.24 3.32 -2.03
C GLN A 115 -16.43 4.41 -1.23
N ILE A 116 -15.96 5.44 -1.99
CA ILE A 116 -15.19 6.55 -1.35
C ILE A 116 -16.20 7.39 -0.48
N SER A 117 -15.98 7.40 0.81
CA SER A 117 -16.78 8.15 1.77
C SER A 117 -18.25 7.69 1.63
N ALA A 118 -18.45 6.39 1.39
CA ALA A 118 -19.83 5.91 1.30
C ALA A 118 -20.59 6.22 2.60
N PHE A 119 -19.94 6.26 3.73
CA PHE A 119 -20.53 6.43 5.07
C PHE A 119 -21.22 7.83 5.12
N THR A 120 -20.85 8.75 4.28
CA THR A 120 -21.50 10.12 4.25
C THR A 120 -22.61 10.30 3.21
N LYS A 121 -22.78 9.29 2.32
CA LYS A 121 -23.59 9.32 1.04
C LYS A 121 -24.80 8.50 1.40
N PRO B 18 5.56 -13.08 -20.56
CA PRO B 18 4.53 -12.01 -20.49
C PRO B 18 4.94 -10.88 -19.46
N SER B 19 5.22 -9.71 -19.98
CA SER B 19 5.90 -8.62 -19.27
C SER B 19 4.98 -8.18 -18.14
N GLN B 20 5.58 -7.82 -17.00
CA GLN B 20 4.84 -7.05 -15.97
C GLN B 20 4.33 -5.73 -16.55
N LEU B 21 4.90 -5.19 -17.64
CA LEU B 21 4.36 -3.97 -18.25
C LEU B 21 3.06 -4.14 -18.99
N LYS B 22 2.57 -5.40 -19.10
CA LYS B 22 1.26 -5.74 -19.58
C LYS B 22 0.24 -5.56 -18.48
N LYS B 23 0.70 -5.44 -17.23
CA LYS B 23 -0.24 -5.21 -16.09
C LYS B 23 -0.29 -3.75 -15.78
N PRO B 24 -1.41 -3.26 -15.18
CA PRO B 24 -1.49 -1.89 -14.64
C PRO B 24 -0.28 -1.66 -13.63
N ARG B 25 0.12 -0.40 -13.55
CA ARG B 25 1.34 -0.11 -12.75
C ARG B 25 1.18 -0.51 -11.24
N TRP B 26 -0.03 -0.46 -10.69
CA TRP B 26 -0.29 -0.83 -9.33
C TRP B 26 -0.32 -2.32 -9.03
N LYS B 27 -0.24 -3.15 -10.10
CA LYS B 27 -0.17 -4.62 -9.94
C LYS B 27 1.13 -5.26 -10.39
N ARG B 28 2.16 -4.42 -10.66
CA ARG B 28 3.44 -4.99 -11.07
C ARG B 28 4.26 -5.54 -9.92
N VAL B 29 5.05 -6.57 -10.19
CA VAL B 29 5.88 -7.20 -9.21
C VAL B 29 7.29 -7.21 -9.80
N PRO B 30 8.19 -6.33 -9.33
CA PRO B 30 9.55 -6.23 -9.91
C PRO B 30 10.47 -7.39 -9.50
N THR B 31 11.38 -7.76 -10.44
CA THR B 31 12.38 -8.82 -10.31
C THR B 31 13.63 -8.36 -11.04
N ARG B 32 14.71 -9.13 -10.98
CA ARG B 32 15.92 -8.75 -11.71
C ARG B 32 15.66 -8.60 -13.20
N GLU B 33 14.80 -9.48 -13.73
CA GLU B 33 14.39 -9.51 -15.16
CA GLU B 33 14.54 -9.44 -15.17
C GLU B 33 13.66 -8.24 -15.58
N GLU B 34 12.77 -7.74 -14.69
CA GLU B 34 12.00 -6.51 -14.97
C GLU B 34 11.97 -5.76 -13.62
N ASN B 35 12.94 -4.89 -13.50
CA ASN B 35 13.27 -4.33 -12.18
C ASN B 35 12.42 -3.11 -11.79
N VAL B 36 12.80 -2.49 -10.68
CA VAL B 36 12.00 -1.41 -10.16
C VAL B 36 11.94 -0.19 -11.13
N ILE B 37 13.08 0.11 -11.75
CA ILE B 37 13.07 1.18 -12.72
C ILE B 37 12.18 0.90 -13.94
N GLN B 38 12.18 -0.38 -14.39
CA GLN B 38 11.39 -0.82 -15.51
C GLN B 38 9.89 -0.80 -15.18
N CYS B 39 9.52 -1.28 -14.00
CA CYS B 39 8.12 -1.36 -13.61
C CYS B 39 7.50 -0.07 -13.10
N PHE B 40 8.31 0.75 -12.41
CA PHE B 40 7.83 1.91 -11.77
C PHE B 40 8.54 3.15 -12.31
N GLY B 41 9.65 3.44 -11.77
CA GLY B 41 10.53 4.54 -12.25
C GLY B 41 11.69 4.73 -11.32
N PRO B 42 12.56 5.73 -11.57
CA PRO B 42 13.70 5.97 -10.81
C PRO B 42 13.38 6.43 -9.39
N ARG B 43 14.24 6.13 -8.45
CA ARG B 43 14.07 6.64 -7.06
C ARG B 43 14.13 8.17 -7.07
N ASP B 44 13.24 8.81 -6.33
CA ASP B 44 13.23 10.25 -6.16
C ASP B 44 12.46 10.57 -4.89
N PHE B 45 12.18 11.86 -4.63
CA PHE B 45 11.56 12.19 -3.36
C PHE B 45 10.12 11.85 -3.27
N ASN B 46 9.51 11.49 -4.38
CA ASN B 46 8.09 11.02 -4.39
C ASN B 46 8.00 9.48 -4.55
N HIS B 47 9.14 8.83 -4.74
CA HIS B 47 9.25 7.37 -4.92
C HIS B 47 10.53 6.90 -4.27
N ASN B 48 10.56 6.94 -2.94
CA ASN B 48 11.86 7.06 -2.23
C ASN B 48 12.41 5.77 -1.58
N MET B 49 11.67 4.66 -1.58
CA MET B 49 12.13 3.49 -0.92
C MET B 49 13.04 2.61 -1.81
N GLY B 50 14.15 2.18 -1.19
CA GLY B 50 14.94 1.06 -1.70
C GLY B 50 16.38 1.52 -2.13
N ASP B 51 17.30 0.71 -1.62
CA ASP B 51 18.66 0.84 -2.07
C ASP B 51 18.95 0.22 -3.42
N SER B 52 20.19 0.23 -3.87
CA SER B 52 20.49 -0.21 -5.20
C SER B 52 20.18 -1.72 -5.38
N ASP B 53 20.34 -2.54 -4.36
CA ASP B 53 20.03 -3.97 -4.44
C ASP B 53 18.49 -4.21 -4.60
N LEU B 54 17.74 -3.43 -3.80
CA LEU B 54 16.28 -3.51 -3.93
C LEU B 54 15.84 -3.04 -5.29
N VAL B 55 16.39 -1.97 -5.80
CA VAL B 55 16.06 -1.46 -7.11
C VAL B 55 16.36 -2.50 -8.23
N GLN B 56 17.54 -3.10 -8.13
CA GLN B 56 18.02 -4.09 -9.11
CA GLN B 56 17.93 -4.03 -9.21
C GLN B 56 17.24 -5.39 -9.14
N ASN B 57 16.84 -5.84 -7.96
CA ASN B 57 16.33 -7.21 -7.76
C ASN B 57 14.83 -7.25 -7.35
N GLY B 58 14.25 -6.06 -7.06
CA GLY B 58 12.84 -6.02 -6.68
C GLY B 58 12.53 -6.98 -5.54
N VAL B 59 11.38 -7.68 -5.63
CA VAL B 59 10.97 -8.63 -4.58
C VAL B 59 11.92 -9.82 -4.38
N ASP B 60 12.82 -10.03 -5.32
CA ASP B 60 13.84 -11.09 -5.20
C ASP B 60 15.06 -10.64 -4.46
N ALA B 61 15.14 -9.38 -4.09
CA ALA B 61 16.26 -8.92 -3.23
C ALA B 61 16.18 -9.67 -1.90
N LYS B 62 17.37 -10.10 -1.34
CA LYS B 62 17.30 -10.95 -0.20
C LYS B 62 16.78 -10.23 1.04
N GLY B 63 16.86 -8.88 1.01
CA GLY B 63 16.30 -8.03 2.13
C GLY B 63 14.79 -7.85 2.06
N PHE B 64 14.17 -8.18 0.92
CA PHE B 64 12.72 -7.83 0.75
C PHE B 64 11.81 -8.47 1.75
N PRO B 65 11.99 -9.80 2.08
CA PRO B 65 10.99 -10.38 3.01
C PRO B 65 10.92 -9.62 4.36
N GLN B 66 12.05 -9.15 4.89
CA GLN B 66 12.05 -8.41 6.18
C GLN B 66 11.26 -7.09 5.97
N LEU B 67 11.44 -6.47 4.83
CA LEU B 67 10.74 -5.18 4.53
C LEU B 67 9.27 -5.45 4.46
N ALA B 68 8.86 -6.55 3.82
CA ALA B 68 7.46 -6.89 3.68
C ALA B 68 6.70 -7.02 4.99
N GLU B 69 7.45 -7.32 6.06
CA GLU B 69 6.76 -7.40 7.36
C GLU B 69 6.08 -6.07 7.77
N LEU B 70 6.52 -4.96 7.18
CA LEU B 70 6.09 -3.59 7.50
C LEU B 70 5.33 -2.90 6.33
N ILE B 71 4.75 -3.73 5.42
CA ILE B 71 3.95 -3.19 4.28
C ILE B 71 2.54 -3.70 4.52
N PRO B 72 1.48 -2.79 4.59
CA PRO B 72 0.14 -3.36 4.70
C PRO B 72 -0.35 -4.22 3.58
N ASN B 73 -1.27 -5.11 3.91
CA ASN B 73 -1.93 -5.86 2.91
C ASN B 73 -3.02 -5.10 2.19
N GLN B 74 -3.58 -5.63 1.11
CA GLN B 74 -4.50 -4.84 0.34
C GLN B 74 -5.81 -4.50 1.07
N ALA B 75 -6.25 -5.39 1.94
CA ALA B 75 -7.54 -5.17 2.65
C ALA B 75 -7.26 -4.09 3.74
N ALA B 76 -6.15 -4.13 4.42
CA ALA B 76 -5.73 -3.06 5.40
C ALA B 76 -5.63 -1.71 4.68
N LEU B 77 -4.99 -1.69 3.48
CA LEU B 77 -4.87 -0.43 2.78
C LEU B 77 -6.24 0.08 2.36
N PHE B 78 -7.12 -0.78 1.86
CA PHE B 78 -8.46 -0.32 1.48
C PHE B 78 -9.24 0.27 2.65
N PHE B 79 -9.34 -0.48 3.70
CA PHE B 79 -10.23 -0.17 4.82
C PHE B 79 -9.61 0.73 5.85
N ASP B 80 -8.31 0.99 5.83
CA ASP B 80 -7.64 1.67 6.92
C ASP B 80 -6.76 2.82 6.42
N SER B 81 -7.09 3.37 5.24
CA SER B 81 -6.48 4.57 4.64
C SER B 81 -7.50 5.69 4.49
N GLU B 82 -6.98 6.87 4.27
CA GLU B 82 -7.77 7.97 3.75
C GLU B 82 -7.56 7.99 2.24
N VAL B 83 -8.63 7.89 1.44
CA VAL B 83 -8.58 7.83 0.02
C VAL B 83 -9.26 9.01 -0.66
N SER B 84 -8.60 9.57 -1.66
CA SER B 84 -9.19 10.71 -2.45
C SER B 84 -8.90 10.54 -3.89
N THR B 85 -9.61 11.36 -4.71
CA THR B 85 -9.46 11.32 -6.15
C THR B 85 -9.34 12.76 -6.70
N ASP B 86 -8.56 12.85 -7.76
CA ASP B 86 -8.46 14.08 -8.53
C ASP B 86 -8.47 13.71 -9.97
N GLU B 87 -9.14 14.54 -10.77
CA GLU B 87 -9.15 14.33 -12.22
C GLU B 87 -7.92 14.93 -12.80
N VAL B 88 -7.27 14.18 -13.69
CA VAL B 88 -6.00 14.59 -14.31
C VAL B 88 -6.17 14.23 -15.78
N GLY B 89 -6.88 15.09 -16.50
CA GLY B 89 -7.09 14.92 -17.92
C GLY B 89 -8.04 13.80 -18.25
N ASP B 90 -7.51 12.83 -18.99
CA ASP B 90 -8.21 11.62 -19.41
C ASP B 90 -8.20 10.51 -18.31
N ASN B 91 -7.61 10.81 -17.14
CA ASN B 91 -7.53 9.81 -16.08
C ASN B 91 -8.05 10.35 -14.77
N VAL B 92 -8.14 9.50 -13.75
CA VAL B 92 -8.46 9.92 -12.40
C VAL B 92 -7.30 9.39 -11.56
N GLN B 93 -6.71 10.30 -10.79
CA GLN B 93 -5.65 9.89 -9.81
C GLN B 93 -6.34 9.53 -8.51
N ILE B 94 -6.06 8.26 -8.07
CA ILE B 94 -6.51 7.83 -6.73
C ILE B 94 -5.27 7.97 -5.80
N THR B 95 -5.50 8.67 -4.67
CA THR B 95 -4.48 8.76 -3.63
C THR B 95 -4.91 7.97 -2.40
N TYR B 96 -4.02 7.06 -1.94
CA TYR B 96 -4.13 6.40 -0.64
C TYR B 96 -3.11 7.07 0.29
N THR B 97 -3.60 7.52 1.44
CA THR B 97 -2.63 7.99 2.49
C THR B 97 -2.85 7.06 3.64
N TYR B 98 -1.85 6.26 3.99
CA TYR B 98 -1.95 5.17 4.98
C TYR B 98 -0.93 5.47 6.11
N LYS B 99 -1.39 5.45 7.36
CA LYS B 99 -0.51 5.69 8.51
C LYS B 99 -0.52 4.44 9.40
N MET B 100 0.66 4.03 9.85
CA MET B 100 0.78 2.88 10.78
C MET B 100 1.78 3.22 11.83
N LEU B 101 1.37 2.81 13.07
CA LEU B 101 2.27 2.99 14.27
C LEU B 101 3.09 1.69 14.56
N VAL B 102 4.39 1.80 14.45
CA VAL B 102 5.25 0.65 14.70
C VAL B 102 6.02 0.90 16.05
N ALA B 103 5.95 -0.12 16.95
CA ALA B 103 6.68 -0.04 18.21
C ALA B 103 8.14 0.16 17.98
N LYS B 104 8.79 1.03 18.76
CA LYS B 104 10.20 1.32 18.58
C LYS B 104 11.16 0.12 18.77
N ASP B 105 10.65 -0.90 19.43
CA ASP B 105 11.42 -2.09 19.61
C ASP B 105 11.11 -3.19 18.60
N ASN B 106 10.29 -2.85 17.56
CA ASN B 106 10.04 -3.77 16.53
C ASN B 106 11.36 -4.05 15.85
N LYS B 107 11.64 -5.39 15.71
CA LYS B 107 12.94 -5.75 15.20
C LYS B 107 13.13 -5.56 13.71
N ASN B 108 12.02 -5.31 13.02
CA ASN B 108 12.06 -5.11 11.58
C ASN B 108 12.11 -3.65 11.21
N LEU B 109 11.93 -2.78 12.16
CA LEU B 109 11.87 -1.34 11.92
C LEU B 109 13.22 -0.76 11.43
N PRO B 110 14.39 -1.17 12.04
CA PRO B 110 15.59 -0.56 11.57
C PRO B 110 15.95 -0.82 10.09
N LYS B 111 15.65 -2.03 9.60
CA LYS B 111 15.85 -2.34 8.17
C LYS B 111 14.98 -1.43 7.27
N PHE B 112 13.73 -1.27 7.73
CA PHE B 112 12.80 -0.35 6.93
C PHE B 112 13.38 1.07 6.85
N ILE B 113 13.81 1.61 8.02
CA ILE B 113 14.34 2.92 8.04
C ILE B 113 15.56 3.13 7.19
N GLU B 114 16.48 2.12 7.14
CA GLU B 114 17.61 2.12 6.25
C GLU B 114 17.26 2.31 4.80
N GLN B 115 16.09 1.79 4.40
CA GLN B 115 15.69 1.85 3.04
C GLN B 115 15.00 3.22 2.66
N ILE B 116 14.55 4.00 3.65
CA ILE B 116 13.82 5.24 3.35
C ILE B 116 14.77 6.21 2.73
N SER B 117 14.52 6.66 1.52
CA SER B 117 15.36 7.52 0.76
C SER B 117 16.83 7.06 0.71
N ALA B 118 16.96 5.76 0.53
CA ALA B 118 18.28 5.16 0.35
C ALA B 118 19.05 5.68 -0.81
N PHE B 119 18.42 6.16 -1.88
CA PHE B 119 19.01 6.76 -3.02
C PHE B 119 19.85 8.02 -2.63
N THR B 120 19.59 8.62 -1.53
CA THR B 120 20.37 9.85 -1.10
C THR B 120 21.72 9.42 -0.51
N LYS B 121 21.91 8.13 -0.26
CA LYS B 121 23.00 7.69 0.62
C LYS B 121 23.55 6.43 0.01
N PRO B 122 24.11 6.53 -1.20
CA PRO B 122 24.72 5.35 -1.80
C PRO B 122 26.06 4.91 -1.13
N SER B 123 26.36 3.60 -1.22
CA SER B 123 27.66 3.05 -0.82
C SER B 123 28.84 3.71 -1.55
N SER B 124 29.87 4.06 -0.76
CA SER B 124 31.21 4.36 -1.28
C SER B 124 31.83 3.06 -1.85
N ILE B 125 32.64 3.23 -2.88
CA ILE B 125 33.26 2.10 -3.61
C ILE B 125 34.67 2.05 -2.98
N LYS B 126 35.01 0.87 -2.45
CA LYS B 126 36.27 0.72 -1.70
C LYS B 126 37.36 -0.18 -2.37
N GLU B 127 37.06 -0.81 -3.50
CA GLU B 127 38.04 -1.59 -4.25
C GLU B 127 37.73 -1.54 -5.71
#